data_7Q8F
#
_entry.id   7Q8F
#
_cell.length_a   94.32
_cell.length_b   94.32
_cell.length_c   125.58
_cell.angle_alpha   90.00
_cell.angle_beta   90.00
_cell.angle_gamma   90.00
#
_symmetry.space_group_name_H-M   'P 43 21 2'
#
loop_
_entity.id
_entity.type
_entity.pdbx_description
1 polymer 'Cathepsin L2'
2 polymer 'GNYKEAKK Peptide'
3 non-polymer (4S)-2-METHYL-2,4-PENTANEDIOL
4 non-polymer 'CHLORIDE ION'
5 non-polymer 'trifluoroacetic acid'
6 non-polymer GLYCEROL
7 water water
#
loop_
_entity_poly.entity_id
_entity_poly.type
_entity_poly.pdbx_seq_one_letter_code
_entity_poly.pdbx_strand_id
1 'polypeptide(L)'
;LPKSVDWRKKGYVTPVKNQKQCGSAWAFSATGALEGQMFRKTGKLVSLSEQNLVDCSRPQGNQGCNGGFMARAFQYVKEN
GGLDSEESYPYVAVDEICKYRPENSVAQDTGFTVVAPGKEKALMKAVATVGPISVAMDAGHSSFQFYKSGIYFEPDCSSK
NLDHGVLVVGYGFEGANSQNSKYWLVKNSWGPEWGSNGYVKIAKDKNNHCGIATAASYPNV
;
AA,BA
2 'polypeptide(L)' (ACE)GNYKEAKK(NH2) PB,PA
#
# COMPACT_ATOMS: atom_id res chain seq x y z
N LEU A 1 23.58 -2.26 -5.26
CA LEU A 1 22.20 -2.24 -4.78
C LEU A 1 21.25 -1.34 -5.61
N PRO A 2 19.96 -1.64 -5.69
CA PRO A 2 19.02 -0.83 -6.43
C PRO A 2 18.88 0.59 -5.93
N LYS A 3 18.52 1.54 -6.80
CA LYS A 3 18.33 2.93 -6.35
C LYS A 3 17.11 3.14 -5.40
N SER A 4 16.14 2.24 -5.59
CA SER A 4 14.95 2.24 -4.78
C SER A 4 14.43 0.82 -4.75
N VAL A 5 13.64 0.54 -3.66
CA VAL A 5 13.02 -0.76 -3.36
C VAL A 5 11.67 -0.47 -2.70
N ASP A 6 10.66 -1.28 -3.13
CA ASP A 6 9.34 -1.20 -2.51
C ASP A 6 8.67 -2.58 -2.62
N TRP A 7 8.80 -3.33 -1.46
CA TRP A 7 8.28 -4.67 -1.40
C TRP A 7 6.78 -4.67 -1.47
N ARG A 8 6.10 -3.53 -1.14
CA ARG A 8 4.64 -3.56 -1.28
C ARG A 8 4.16 -3.80 -2.69
N LYS A 9 4.92 -3.35 -3.63
CA LYS A 9 4.63 -3.51 -5.03
C LYS A 9 4.89 -4.89 -5.54
N LYS A 10 5.49 -5.81 -4.76
CA LYS A 10 5.78 -7.13 -5.16
C LYS A 10 4.93 -8.17 -4.39
N GLY A 11 3.97 -7.75 -3.58
CA GLY A 11 3.09 -8.71 -2.91
C GLY A 11 3.51 -9.25 -1.57
N TYR A 12 4.59 -8.71 -1.02
CA TYR A 12 5.16 -9.16 0.26
C TYR A 12 4.55 -8.57 1.52
N VAL A 13 3.68 -7.55 1.40
CA VAL A 13 3.22 -6.79 2.55
C VAL A 13 1.71 -6.81 2.71
N THR A 14 1.20 -7.14 3.92
CA THR A 14 -0.23 -7.14 4.19
C THR A 14 -0.74 -5.72 4.38
N PRO A 15 -2.04 -5.47 4.31
CA PRO A 15 -2.56 -4.11 4.54
C PRO A 15 -2.20 -3.66 5.97
N VAL A 16 -2.18 -2.36 6.19
CA VAL A 16 -1.82 -1.78 7.49
C VAL A 16 -2.75 -2.22 8.58
N LYS A 17 -2.20 -2.56 9.75
CA LYS A 17 -2.97 -3.01 10.92
C LYS A 17 -2.91 -1.97 12.02
N ASN A 18 -3.63 -2.19 13.12
CA ASN A 18 -3.75 -1.23 14.24
C ASN A 18 -3.63 -1.89 15.55
N GLN A 19 -2.55 -1.60 16.27
CA GLN A 19 -2.30 -2.21 17.59
C GLN A 19 -3.24 -1.66 18.67
N LYS A 20 -3.90 -0.51 18.34
CA LYS A 20 -4.81 0.14 19.30
C LYS A 20 -4.08 0.40 20.65
N GLN A 21 -4.80 0.34 21.80
CA GLN A 21 -4.18 0.71 23.07
C GLN A 21 -3.52 -0.44 23.74
N CYS A 22 -2.51 -0.96 23.11
CA CYS A 22 -1.74 -2.10 23.61
C CYS A 22 -0.33 -1.86 23.13
N GLY A 23 0.70 -2.05 23.97
CA GLY A 23 2.09 -1.80 23.57
C GLY A 23 2.69 -3.02 22.87
N SER A 24 2.07 -3.36 21.72
CA SER A 24 2.42 -4.53 20.95
C SER A 24 3.07 -4.23 19.63
N ALA A 25 3.67 -3.03 19.47
CA ALA A 25 4.23 -2.74 18.14
C ALA A 25 5.28 -3.76 17.77
N TRP A 26 6.04 -4.26 18.77
CA TRP A 26 7.06 -5.31 18.50
C TRP A 26 6.45 -6.56 17.84
N ALA A 27 5.18 -6.87 18.20
CA ALA A 27 4.53 -8.02 17.62
C ALA A 27 4.11 -7.80 16.17
N PHE A 28 3.66 -6.56 15.88
CA PHE A 28 3.32 -6.21 14.49
C PHE A 28 4.54 -6.11 13.61
N SER A 29 5.64 -5.56 14.15
CA SER A 29 6.88 -5.52 13.35
C SER A 29 7.31 -6.94 13.04
N ALA A 30 7.24 -7.88 14.08
CA ALA A 30 7.68 -9.27 13.80
C ALA A 30 6.77 -9.97 12.85
N THR A 31 5.43 -9.81 12.98
CA THR A 31 4.59 -10.50 12.01
C THR A 31 4.82 -9.94 10.61
N GLY A 32 5.04 -8.62 10.47
CA GLY A 32 5.27 -8.06 9.13
C GLY A 32 6.51 -8.68 8.51
N ALA A 33 7.62 -8.82 9.30
CA ALA A 33 8.79 -9.43 8.66
C ALA A 33 8.58 -10.92 8.32
N LEU A 34 7.88 -11.65 9.21
CA LEU A 34 7.62 -13.05 8.90
C LEU A 34 6.67 -13.19 7.71
N GLU A 35 5.70 -12.24 7.53
CA GLU A 35 4.80 -12.32 6.40
C GLU A 35 5.61 -12.18 5.12
N GLY A 36 6.59 -11.27 5.10
CA GLY A 36 7.39 -11.11 3.89
C GLY A 36 8.24 -12.34 3.63
N GLN A 37 8.92 -12.88 4.65
CA GLN A 37 9.72 -14.07 4.38
C GLN A 37 8.89 -15.29 4.02
N MET A 38 7.72 -15.48 4.62
CA MET A 38 6.92 -16.61 4.20
C MET A 38 6.47 -16.46 2.74
N PHE A 39 6.15 -15.21 2.29
CA PHE A 39 5.73 -14.99 0.92
C PHE A 39 6.90 -15.28 -0.01
N ARG A 40 8.17 -14.87 0.35
CA ARG A 40 9.37 -15.11 -0.46
C ARG A 40 9.53 -16.66 -0.60
N LYS A 41 9.20 -17.40 0.47
CA LYS A 41 9.36 -18.88 0.41
C LYS A 41 8.28 -19.63 -0.33
N THR A 42 7.04 -19.20 -0.19
CA THR A 42 5.93 -19.97 -0.77
C THR A 42 5.10 -19.31 -1.84
N GLY A 43 5.23 -17.99 -2.02
CA GLY A 43 4.35 -17.31 -2.97
C GLY A 43 2.96 -17.02 -2.44
N LYS A 44 2.73 -17.26 -1.10
CA LYS A 44 1.44 -17.01 -0.53
C LYS A 44 1.55 -15.99 0.58
N LEU A 45 0.73 -14.95 0.44
CA LEU A 45 0.66 -13.88 1.46
C LEU A 45 -0.42 -14.24 2.45
N VAL A 46 0.00 -14.56 3.71
CA VAL A 46 -0.96 -14.91 4.76
C VAL A 46 -0.74 -13.97 6.00
N SER A 47 -1.76 -13.29 6.41
CA SER A 47 -1.65 -12.41 7.56
C SER A 47 -1.42 -13.25 8.84
N LEU A 48 -0.49 -12.86 9.69
CA LEU A 48 -0.05 -13.65 10.85
C LEU A 48 -0.53 -13.05 12.13
N SER A 49 -0.62 -13.89 13.19
CA SER A 49 -1.19 -13.43 14.46
C SER A 49 -0.29 -12.72 15.47
N GLU A 50 -0.55 -11.39 15.62
CA GLU A 50 0.14 -10.67 16.66
C GLU A 50 -0.31 -11.14 18.05
N GLN A 51 -1.60 -11.53 18.14
CA GLN A 51 -2.12 -11.90 19.49
C GLN A 51 -1.47 -13.18 19.95
N ASN A 52 -1.07 -14.04 19.00
CA ASN A 52 -0.39 -15.27 19.40
C ASN A 52 0.92 -14.88 20.03
N LEU A 53 1.61 -13.86 19.49
CA LEU A 53 2.86 -13.43 20.09
C LEU A 53 2.64 -12.73 21.45
N VAL A 54 1.61 -11.87 21.54
CA VAL A 54 1.34 -11.17 22.80
C VAL A 54 1.04 -12.16 23.96
N ASP A 55 0.16 -13.11 23.68
CA ASP A 55 -0.25 -14.05 24.73
C ASP A 55 0.76 -15.13 25.09
N CYS A 56 1.58 -15.56 24.13
CA CYS A 56 2.42 -16.72 24.33
C CYS A 56 3.92 -16.53 24.50
N SER A 57 4.47 -15.31 24.26
CA SER A 57 5.94 -15.23 24.29
C SER A 57 6.55 -14.66 25.53
N ARG A 58 5.83 -14.71 26.67
CA ARG A 58 6.44 -14.28 27.95
C ARG A 58 7.74 -15.12 28.30
N PRO A 59 7.78 -16.42 28.08
CA PRO A 59 8.99 -17.19 28.40
C PRO A 59 10.25 -16.68 27.71
N GLN A 60 10.08 -16.13 26.51
CA GLN A 60 11.18 -15.58 25.71
C GLN A 60 11.51 -14.17 26.10
N GLY A 61 10.82 -13.57 27.08
CA GLY A 61 11.16 -12.26 27.54
C GLY A 61 10.31 -11.12 27.03
N ASN A 62 9.19 -11.45 26.36
CA ASN A 62 8.28 -10.36 25.95
C ASN A 62 7.25 -10.14 27.06
N GLN A 63 6.54 -9.03 27.02
CA GLN A 63 5.60 -8.66 28.11
C GLN A 63 4.24 -8.24 27.56
N GLY A 64 3.86 -8.89 26.46
CA GLY A 64 2.59 -8.61 25.86
C GLY A 64 2.34 -7.17 25.54
N CYS A 65 1.25 -6.64 26.09
CA CYS A 65 0.85 -5.26 25.84
C CYS A 65 1.71 -4.25 26.59
N ASN A 66 2.63 -4.75 27.42
N ASN A 66 2.64 -4.75 27.44
CA ASN A 66 3.58 -3.91 28.14
CA ASN A 66 3.57 -3.86 28.12
C ASN A 66 4.92 -3.80 27.42
C ASN A 66 4.92 -3.77 27.41
N GLY A 67 4.99 -4.29 26.17
CA GLY A 67 6.23 -4.22 25.39
C GLY A 67 6.90 -5.56 25.12
N GLY A 68 7.91 -5.48 24.24
CA GLY A 68 8.56 -6.70 23.81
C GLY A 68 9.57 -6.32 22.73
N PHE A 69 10.20 -7.39 22.19
CA PHE A 69 11.28 -7.21 21.20
C PHE A 69 11.06 -8.13 20.07
N MET A 70 11.30 -7.66 18.83
CA MET A 70 11.12 -8.50 17.65
C MET A 70 12.02 -9.76 17.66
N ALA A 71 13.30 -9.64 18.12
CA ALA A 71 14.17 -10.82 18.13
C ALA A 71 13.62 -11.88 19.12
N ARG A 72 13.04 -11.44 20.28
CA ARG A 72 12.45 -12.40 21.23
C ARG A 72 11.23 -13.06 20.60
N ALA A 73 10.47 -12.31 19.72
CA ALA A 73 9.37 -12.93 19.05
C ALA A 73 9.82 -14.01 18.03
N PHE A 74 10.88 -13.70 17.23
CA PHE A 74 11.35 -14.72 16.29
C PHE A 74 11.90 -15.95 17.08
N GLN A 75 12.47 -15.68 18.26
CA GLN A 75 12.94 -16.80 19.12
C GLN A 75 11.75 -17.62 19.52
N TYR A 76 10.64 -17.00 19.92
CA TYR A 76 9.45 -17.79 20.27
C TYR A 76 8.95 -18.62 19.11
N VAL A 77 8.88 -18.04 17.88
CA VAL A 77 8.35 -18.85 16.82
C VAL A 77 9.27 -20.07 16.57
N LYS A 78 10.58 -19.90 16.71
CA LYS A 78 11.56 -21.02 16.52
C LYS A 78 11.33 -22.06 17.60
N GLU A 79 11.31 -21.64 18.87
CA GLU A 79 11.19 -22.64 19.97
C GLU A 79 9.85 -23.28 19.92
N ASN A 80 8.81 -22.52 19.53
CA ASN A 80 7.45 -23.04 19.52
C ASN A 80 7.08 -23.90 18.37
N GLY A 81 7.85 -23.85 17.30
CA GLY A 81 7.54 -24.62 16.12
C GLY A 81 6.53 -24.09 15.14
N GLY A 82 6.04 -22.85 15.34
CA GLY A 82 4.99 -22.35 14.46
C GLY A 82 4.37 -21.06 15.02
N LEU A 83 3.51 -20.49 14.21
CA LEU A 83 2.79 -19.25 14.56
C LEU A 83 1.49 -19.33 13.78
N ASP A 84 0.38 -19.04 14.48
CA ASP A 84 -0.95 -19.10 13.88
C ASP A 84 -1.29 -17.94 12.97
N SER A 85 -2.25 -18.13 12.10
CA SER A 85 -2.71 -17.04 11.20
C SER A 85 -3.54 -15.99 11.99
N GLU A 86 -3.63 -14.74 11.45
CA GLU A 86 -4.41 -13.65 12.02
C GLU A 86 -5.88 -14.09 12.10
N GLU A 87 -6.33 -14.79 11.05
CA GLU A 87 -7.70 -15.20 11.01
C GLU A 87 -8.02 -16.21 12.10
N SER A 88 -7.13 -17.12 12.32
CA SER A 88 -7.39 -18.15 13.34
C SER A 88 -7.16 -17.75 14.76
N TYR A 89 -6.32 -16.70 15.00
CA TYR A 89 -5.99 -16.23 16.35
C TYR A 89 -6.09 -14.71 16.29
N PRO A 90 -7.26 -14.13 16.31
CA PRO A 90 -7.52 -12.69 16.20
C PRO A 90 -7.00 -11.81 17.26
N TYR A 91 -6.71 -10.56 16.79
CA TYR A 91 -6.16 -9.53 17.64
C TYR A 91 -7.19 -8.82 18.49
N VAL A 92 -6.99 -8.73 19.78
CA VAL A 92 -7.97 -8.05 20.68
C VAL A 92 -7.35 -6.96 21.50
N ALA A 93 -6.01 -6.72 21.34
CA ALA A 93 -5.33 -5.60 22.05
C ALA A 93 -5.36 -5.61 23.60
N VAL A 94 -5.33 -6.80 24.18
CA VAL A 94 -5.26 -6.98 25.62
C VAL A 94 -4.52 -8.30 25.82
N ASP A 95 -3.80 -8.43 26.95
CA ASP A 95 -3.12 -9.70 27.26
C ASP A 95 -4.12 -10.77 27.57
N GLU A 96 -4.08 -11.90 26.89
CA GLU A 96 -4.97 -13.03 27.10
C GLU A 96 -4.23 -14.38 27.28
N ILE A 97 -5.01 -15.41 27.52
CA ILE A 97 -4.47 -16.77 27.67
C ILE A 97 -3.86 -17.25 26.39
N CYS A 98 -2.69 -17.87 26.46
CA CYS A 98 -2.12 -18.43 25.25
C CYS A 98 -2.98 -19.54 24.69
N LYS A 99 -3.40 -19.38 23.43
CA LYS A 99 -4.26 -20.31 22.73
C LYS A 99 -3.61 -20.77 21.43
N TYR A 100 -2.28 -20.94 21.45
CA TYR A 100 -1.56 -21.40 20.25
C TYR A 100 -2.07 -22.79 19.86
N ARG A 101 -2.38 -22.97 18.60
CA ARG A 101 -2.86 -24.22 18.04
C ARG A 101 -1.99 -24.63 16.94
N PRO A 102 -1.21 -25.71 17.04
CA PRO A 102 -0.33 -26.11 15.94
C PRO A 102 -1.07 -26.37 14.62
N GLU A 103 -2.32 -26.86 14.64
CA GLU A 103 -3.06 -27.13 13.43
C GLU A 103 -3.36 -25.87 12.61
N ASN A 104 -3.29 -24.68 13.28
CA ASN A 104 -3.54 -23.43 12.58
C ASN A 104 -2.25 -22.73 12.23
N SER A 105 -1.13 -23.34 12.44
CA SER A 105 0.14 -22.66 12.13
C SER A 105 0.33 -22.52 10.65
N VAL A 106 0.78 -21.29 10.22
CA VAL A 106 1.04 -21.02 8.81
C VAL A 106 2.44 -20.46 8.68
N ALA A 107 3.28 -20.47 9.72
CA ALA A 107 4.63 -19.94 9.54
C ALA A 107 5.59 -20.58 10.50
N GLN A 108 6.87 -20.60 10.17
CA GLN A 108 7.94 -21.14 11.01
C GLN A 108 9.21 -20.37 10.77
N ASP A 109 10.14 -20.39 11.71
CA ASP A 109 11.44 -19.79 11.44
C ASP A 109 12.47 -20.58 12.27
N THR A 110 13.73 -20.53 11.85
CA THR A 110 14.83 -21.26 12.50
C THR A 110 15.68 -20.36 13.38
N GLY A 111 15.23 -19.07 13.58
CA GLY A 111 16.02 -18.12 14.29
C GLY A 111 15.94 -16.84 13.47
N PHE A 112 16.92 -15.98 13.62
CA PHE A 112 16.90 -14.70 12.93
C PHE A 112 18.30 -14.22 12.67
N THR A 113 18.38 -13.25 11.77
CA THR A 113 19.62 -12.59 11.40
C THR A 113 19.60 -11.16 11.87
N VAL A 114 20.66 -10.67 12.49
CA VAL A 114 20.76 -9.29 12.90
C VAL A 114 21.56 -8.46 11.90
N VAL A 115 21.10 -7.25 11.63
CA VAL A 115 21.86 -6.31 10.81
C VAL A 115 22.88 -5.60 11.70
N ALA A 116 24.08 -5.31 11.12
CA ALA A 116 25.10 -4.66 11.96
C ALA A 116 24.52 -3.37 12.56
N PRO A 117 24.61 -3.27 13.90
CA PRO A 117 24.05 -2.07 14.55
C PRO A 117 24.60 -0.75 14.12
N GLY A 118 23.65 0.15 13.89
CA GLY A 118 23.94 1.52 13.49
C GLY A 118 24.35 1.64 12.03
N LYS A 119 24.43 0.54 11.27
CA LYS A 119 24.89 0.76 9.91
C LYS A 119 23.74 0.91 8.86
N GLU A 120 23.45 2.14 8.45
CA GLU A 120 22.40 2.31 7.44
C GLU A 120 22.77 1.61 6.13
N LYS A 121 24.08 1.53 5.70
CA LYS A 121 24.33 0.77 4.48
C LYS A 121 24.06 -0.73 4.57
N ALA A 122 24.26 -1.35 5.80
CA ALA A 122 23.98 -2.72 6.00
C ALA A 122 22.45 -2.96 5.96
N LEU A 123 21.72 -1.96 6.51
CA LEU A 123 20.27 -2.07 6.49
C LEU A 123 19.78 -1.99 5.04
N MET A 124 20.42 -1.10 4.24
CA MET A 124 20.02 -0.96 2.82
C MET A 124 20.26 -2.28 2.05
N LYS A 125 21.41 -2.99 2.35
CA LYS A 125 21.67 -4.24 1.71
C LYS A 125 20.66 -5.34 2.12
N ALA A 126 20.26 -5.37 3.42
CA ALA A 126 19.28 -6.33 3.85
C ALA A 126 17.91 -6.05 3.20
N VAL A 127 17.45 -4.78 3.19
CA VAL A 127 16.13 -4.48 2.58
C VAL A 127 16.13 -4.87 1.09
N ALA A 128 17.26 -4.66 0.43
CA ALA A 128 17.29 -4.96 -1.00
C ALA A 128 17.38 -6.42 -1.34
N THR A 129 18.07 -7.24 -0.48
CA THR A 129 18.22 -8.61 -0.85
C THR A 129 17.29 -9.60 -0.19
N VAL A 130 16.67 -9.22 0.96
CA VAL A 130 15.87 -10.16 1.73
C VAL A 130 14.35 -9.95 1.65
N GLY A 131 13.93 -8.70 1.80
CA GLY A 131 12.52 -8.37 1.91
C GLY A 131 12.36 -7.39 3.07
N PRO A 132 11.15 -7.16 3.58
CA PRO A 132 10.91 -6.22 4.70
C PRO A 132 11.72 -6.60 5.95
N ILE A 133 12.19 -5.59 6.67
CA ILE A 133 13.08 -5.83 7.79
C ILE A 133 12.48 -5.22 9.06
N SER A 134 12.45 -5.99 10.19
CA SER A 134 12.00 -5.39 11.48
C SER A 134 12.99 -4.38 11.99
N VAL A 135 12.54 -3.22 12.49
CA VAL A 135 13.48 -2.25 13.03
C VAL A 135 12.83 -1.56 14.23
N ALA A 136 13.68 -1.03 15.13
CA ALA A 136 13.19 -0.23 16.24
C ALA A 136 13.48 1.22 15.90
N MET A 137 12.66 2.10 16.44
CA MET A 137 12.86 3.52 16.22
C MET A 137 12.37 4.33 17.41
N ASP A 138 12.78 5.62 17.43
CA ASP A 138 12.28 6.59 18.39
C ASP A 138 11.07 7.26 17.78
N ALA A 139 9.87 6.85 18.24
CA ALA A 139 8.56 7.42 17.80
C ALA A 139 7.94 8.32 18.82
N GLY A 140 8.69 8.61 19.91
CA GLY A 140 8.18 9.36 21.04
C GLY A 140 8.07 10.86 20.82
N HIS A 141 7.37 11.28 19.80
CA HIS A 141 7.23 12.70 19.51
C HIS A 141 5.90 13.05 18.93
N SER A 142 5.36 14.24 19.26
N SER A 142 5.40 14.29 19.21
CA SER A 142 4.10 14.62 18.63
CA SER A 142 4.16 14.77 18.63
C SER A 142 4.26 14.82 17.13
C SER A 142 4.28 14.88 17.13
N SER A 143 5.49 15.18 16.64
CA SER A 143 5.73 15.31 15.20
C SER A 143 5.47 13.98 14.52
N PHE A 144 5.72 12.88 15.25
CA PHE A 144 5.47 11.56 14.64
C PHE A 144 4.02 11.20 14.73
N GLN A 145 3.43 11.46 15.90
CA GLN A 145 2.01 11.20 16.07
C GLN A 145 1.21 11.89 15.01
N PHE A 146 1.56 13.16 14.68
CA PHE A 146 0.75 13.89 13.70
C PHE A 146 1.34 13.99 12.36
N TYR A 147 2.30 13.08 12.06
CA TYR A 147 2.89 13.05 10.78
C TYR A 147 1.86 12.83 9.70
N LYS A 148 1.96 13.51 8.61
CA LYS A 148 1.03 13.33 7.50
C LYS A 148 1.66 12.99 6.20
N SER A 149 2.76 13.66 5.81
CA SER A 149 3.39 13.48 4.52
C SER A 149 4.80 14.01 4.48
N GLY A 150 5.52 13.69 3.44
CA GLY A 150 6.88 14.14 3.23
C GLY A 150 7.89 13.29 3.97
N ILE A 151 9.14 13.68 3.93
CA ILE A 151 10.22 13.00 4.61
C ILE A 151 10.23 13.45 6.03
N TYR A 152 10.02 12.52 6.97
CA TYR A 152 10.02 12.85 8.38
C TYR A 152 11.44 13.06 8.92
N PHE A 153 11.68 14.23 9.58
CA PHE A 153 12.92 14.53 10.23
C PHE A 153 12.59 15.25 11.53
N GLU A 154 13.11 14.76 12.63
CA GLU A 154 12.85 15.28 13.95
C GLU A 154 14.17 15.49 14.69
N PRO A 155 14.52 16.77 14.94
CA PRO A 155 15.76 17.07 15.64
C PRO A 155 15.91 16.44 16.96
N ASP A 156 14.81 16.23 17.63
CA ASP A 156 14.83 15.66 18.99
C ASP A 156 14.89 14.08 18.95
N CYS A 157 15.02 13.47 17.75
CA CYS A 157 15.11 11.99 17.68
C CYS A 157 16.40 11.43 18.27
N SER A 158 16.29 10.26 18.82
CA SER A 158 17.43 9.50 19.36
C SER A 158 17.76 8.34 18.47
N SER A 159 19.05 7.98 18.32
CA SER A 159 19.42 6.80 17.56
C SER A 159 19.72 5.63 18.50
N LYS A 160 19.66 5.85 19.78
CA LYS A 160 19.97 4.77 20.73
C LYS A 160 18.90 4.45 21.74
N ASN A 161 18.03 5.37 22.06
CA ASN A 161 16.98 5.02 23.05
C ASN A 161 15.71 4.93 22.27
N LEU A 162 15.32 3.67 21.93
CA LEU A 162 14.15 3.48 21.04
C LEU A 162 12.96 2.89 21.73
N ASP A 163 11.75 3.31 21.31
CA ASP A 163 10.53 2.89 22.01
C ASP A 163 9.45 2.25 21.13
N HIS A 164 9.77 1.95 19.88
CA HIS A 164 8.70 1.47 18.98
C HIS A 164 9.27 0.58 17.92
N GLY A 165 8.58 -0.50 17.58
CA GLY A 165 9.03 -1.41 16.52
C GLY A 165 8.14 -1.14 15.32
N VAL A 166 8.78 -1.14 14.13
CA VAL A 166 8.14 -0.87 12.83
C VAL A 166 8.75 -1.75 11.80
N LEU A 167 8.33 -1.59 10.53
CA LEU A 167 8.84 -2.50 9.46
C LEU A 167 9.34 -1.69 8.30
N VAL A 168 10.59 -1.88 7.94
CA VAL A 168 11.12 -1.16 6.74
C VAL A 168 10.77 -2.01 5.54
N VAL A 169 9.90 -1.45 4.67
CA VAL A 169 9.47 -2.18 3.45
C VAL A 169 10.15 -1.74 2.19
N GLY A 170 11.08 -0.77 2.32
CA GLY A 170 11.78 -0.32 1.11
C GLY A 170 12.54 0.93 1.44
N TYR A 171 13.00 1.62 0.37
CA TYR A 171 13.71 2.90 0.46
C TYR A 171 13.62 3.56 -0.92
N GLY A 172 13.82 4.85 -0.92
CA GLY A 172 13.63 5.59 -2.13
C GLY A 172 14.25 6.96 -2.02
N PHE A 173 13.88 7.77 -2.95
CA PHE A 173 14.42 9.09 -2.98
C PHE A 173 13.47 9.96 -3.69
N GLU A 174 13.51 11.20 -3.36
CA GLU A 174 12.70 12.13 -4.11
C GLU A 174 13.50 12.67 -5.27
N GLY A 175 12.84 13.01 -6.35
CA GLY A 175 13.56 13.61 -7.47
C GLY A 175 14.30 12.71 -8.45
N ALA A 176 15.16 13.33 -9.30
CA ALA A 176 15.92 12.62 -10.32
C ALA A 176 17.19 12.02 -9.77
N ASN A 177 17.80 12.70 -8.81
CA ASN A 177 19.04 12.18 -8.26
C ASN A 177 18.80 11.13 -7.18
N SER A 178 19.30 9.90 -7.41
CA SER A 178 19.05 8.83 -6.44
C SER A 178 19.88 8.96 -5.18
N GLN A 179 20.92 9.82 -5.17
CA GLN A 179 21.82 9.95 -4.01
C GLN A 179 21.49 11.05 -2.98
N ASN A 180 20.38 11.79 -3.15
CA ASN A 180 19.96 12.77 -2.17
C ASN A 180 18.45 12.73 -2.01
N SER A 181 17.92 13.37 -0.95
CA SER A 181 16.51 13.38 -0.53
C SER A 181 16.06 11.94 -0.35
N LYS A 182 16.92 11.16 0.24
CA LYS A 182 16.65 9.73 0.44
C LYS A 182 15.73 9.46 1.62
N TYR A 183 15.00 8.33 1.52
CA TYR A 183 14.16 7.95 2.67
C TYR A 183 13.98 6.45 2.78
N TRP A 184 13.60 6.02 3.99
CA TRP A 184 13.23 4.64 4.31
C TRP A 184 11.73 4.66 4.26
N LEU A 185 11.18 3.59 3.63
CA LEU A 185 9.70 3.39 3.56
C LEU A 185 9.34 2.51 4.74
N VAL A 186 8.57 3.08 5.70
CA VAL A 186 8.26 2.39 6.96
C VAL A 186 6.79 2.19 7.14
N LYS A 187 6.44 0.92 7.43
CA LYS A 187 5.06 0.54 7.71
C LYS A 187 4.88 0.62 9.24
N ASN A 188 3.89 1.39 9.65
CA ASN A 188 3.54 1.45 11.08
C ASN A 188 2.36 0.53 11.42
N SER A 189 1.95 0.49 12.69
CA SER A 189 0.82 -0.33 13.18
C SER A 189 -0.17 0.52 13.95
N TRP A 190 -0.43 1.74 13.41
CA TRP A 190 -1.40 2.66 14.04
C TRP A 190 -2.59 2.83 13.16
N GLY A 191 -2.82 1.87 12.25
CA GLY A 191 -4.00 1.92 11.37
C GLY A 191 -3.67 2.69 10.10
N PRO A 192 -4.39 2.46 8.99
CA PRO A 192 -4.23 3.15 7.70
C PRO A 192 -4.53 4.65 7.83
N GLU A 193 -5.32 5.04 8.80
CA GLU A 193 -5.64 6.46 8.94
C GLU A 193 -4.50 7.27 9.48
N TRP A 194 -3.49 6.65 10.13
CA TRP A 194 -2.37 7.41 10.63
C TRP A 194 -1.39 7.71 9.53
N GLY A 195 -0.66 8.83 9.59
CA GLY A 195 0.39 9.03 8.62
C GLY A 195 -0.02 9.07 7.17
N SER A 196 0.76 8.47 6.29
CA SER A 196 0.46 8.43 4.87
C SER A 196 -0.06 7.02 4.53
N ASN A 197 -1.37 6.83 4.67
CA ASN A 197 -1.99 5.49 4.50
C ASN A 197 -1.29 4.43 5.42
N GLY A 198 -0.88 4.90 6.56
CA GLY A 198 -0.27 4.02 7.57
C GLY A 198 1.21 3.89 7.49
N TYR A 199 1.83 4.56 6.52
CA TYR A 199 3.24 4.55 6.28
C TYR A 199 3.88 5.92 6.57
N VAL A 200 5.20 5.89 6.67
CA VAL A 200 5.97 7.14 6.88
C VAL A 200 7.26 6.99 6.13
N LYS A 201 7.73 8.12 5.53
CA LYS A 201 9.02 8.19 4.88
C LYS A 201 10.01 8.78 5.91
N ILE A 202 10.94 8.03 6.36
CA ILE A 202 11.91 8.54 7.38
C ILE A 202 13.21 8.88 6.69
N ALA A 203 13.77 10.04 7.08
CA ALA A 203 15.01 10.44 6.39
C ALA A 203 16.05 9.37 6.45
N LYS A 204 16.71 9.09 5.27
CA LYS A 204 17.72 8.11 5.09
C LYS A 204 19.13 8.72 4.85
N ASP A 205 20.15 8.04 5.39
CA ASP A 205 21.53 8.55 5.28
C ASP A 205 21.66 9.93 5.88
N LYS A 206 21.00 10.13 7.00
CA LYS A 206 21.06 11.35 7.81
C LYS A 206 21.45 10.88 9.23
N ASN A 207 22.60 10.15 9.35
CA ASN A 207 23.14 9.71 10.58
C ASN A 207 22.21 8.84 11.37
N ASN A 208 21.66 7.81 10.67
CA ASN A 208 20.81 6.83 11.37
C ASN A 208 19.65 7.50 12.12
N HIS A 209 18.89 8.32 11.38
CA HIS A 209 17.86 9.13 12.02
C HIS A 209 16.80 8.26 12.70
N CYS A 210 16.48 8.62 13.92
CA CYS A 210 15.52 7.96 14.80
C CYS A 210 15.92 6.53 15.07
N GLY A 211 17.19 6.17 14.82
CA GLY A 211 17.64 4.84 15.19
C GLY A 211 17.22 3.69 14.28
N ILE A 212 16.77 3.98 13.04
CA ILE A 212 16.22 2.89 12.22
C ILE A 212 17.18 1.74 11.98
N ALA A 213 18.52 2.00 11.91
CA ALA A 213 19.44 0.89 11.69
C ALA A 213 20.12 0.41 13.01
N THR A 214 19.67 0.85 14.15
CA THR A 214 20.33 0.44 15.41
C THR A 214 20.05 -0.98 15.84
N ALA A 215 18.82 -1.50 15.61
CA ALA A 215 18.46 -2.83 16.08
C ALA A 215 17.48 -3.44 15.11
N ALA A 216 18.00 -3.72 13.90
CA ALA A 216 17.23 -4.30 12.81
C ALA A 216 17.47 -5.80 12.72
N SER A 217 16.43 -6.54 12.36
CA SER A 217 16.60 -7.97 12.20
C SER A 217 15.53 -8.58 11.31
N TYR A 218 15.70 -9.85 10.92
CA TYR A 218 14.67 -10.52 10.13
C TYR A 218 14.68 -12.01 10.43
N PRO A 219 13.58 -12.70 10.36
CA PRO A 219 13.52 -14.13 10.62
C PRO A 219 14.11 -14.99 9.49
N ASN A 220 14.66 -16.15 9.83
CA ASN A 220 15.21 -17.06 8.83
C ASN A 220 14.19 -18.10 8.57
N VAL A 221 13.60 -18.17 7.34
CA VAL A 221 12.56 -19.18 7.14
C VAL A 221 13.08 -20.37 6.32
N LEU B 1 -26.49 -4.69 -0.59
CA LEU B 1 -25.05 -4.41 -0.62
C LEU B 1 -24.57 -3.83 0.70
N PRO B 2 -23.26 -3.95 1.00
CA PRO B 2 -22.72 -3.40 2.24
C PRO B 2 -22.80 -1.86 2.33
N LYS B 3 -22.88 -1.29 3.56
CA LYS B 3 -22.97 0.14 3.70
C LYS B 3 -21.61 0.76 3.37
N SER B 4 -20.57 -0.08 3.39
CA SER B 4 -19.25 0.46 3.10
C SER B 4 -18.33 -0.60 2.60
N VAL B 5 -17.36 -0.20 1.78
CA VAL B 5 -16.45 -1.13 1.17
C VAL B 5 -15.11 -0.42 1.06
N ASP B 6 -14.03 -1.17 1.38
CA ASP B 6 -12.70 -0.58 1.21
C ASP B 6 -11.75 -1.68 0.78
N TRP B 7 -11.48 -1.85 -0.54
CA TRP B 7 -10.63 -2.91 -1.06
C TRP B 7 -9.18 -2.73 -0.60
N ARG B 8 -8.77 -1.54 -0.15
CA ARG B 8 -7.40 -1.47 0.38
C ARG B 8 -7.20 -2.42 1.58
N LYS B 9 -8.25 -2.61 2.36
CA LYS B 9 -8.14 -3.47 3.55
C LYS B 9 -8.03 -4.95 3.19
N LYS B 10 -8.38 -5.36 1.94
CA LYS B 10 -8.36 -6.75 1.55
C LYS B 10 -7.21 -7.17 0.66
N GLY B 11 -6.25 -6.23 0.45
CA GLY B 11 -5.07 -6.59 -0.30
C GLY B 11 -5.08 -6.33 -1.79
N TYR B 12 -6.12 -5.65 -2.29
CA TYR B 12 -6.29 -5.41 -3.73
C TYR B 12 -5.59 -4.19 -4.32
N VAL B 13 -5.04 -3.32 -3.47
CA VAL B 13 -4.55 -2.02 -3.93
C VAL B 13 -3.11 -1.74 -3.65
N THR B 14 -2.35 -1.38 -4.70
CA THR B 14 -0.94 -1.02 -4.61
C THR B 14 -0.78 0.38 -4.04
N PRO B 15 0.42 0.82 -3.64
CA PRO B 15 0.60 2.16 -3.10
C PRO B 15 0.22 3.21 -4.12
N VAL B 16 -0.04 4.42 -3.62
CA VAL B 16 -0.30 5.56 -4.52
C VAL B 16 0.89 5.86 -5.35
N LYS B 17 0.66 6.11 -6.65
CA LYS B 17 1.72 6.39 -7.61
C LYS B 17 1.57 7.86 -8.09
N ASN B 18 2.52 8.28 -8.94
CA ASN B 18 2.50 9.71 -9.38
C ASN B 18 2.83 9.74 -10.83
N GLN B 19 1.85 10.17 -11.64
CA GLN B 19 2.04 10.30 -13.08
C GLN B 19 2.96 11.46 -13.45
N LYS B 20 3.19 12.39 -12.53
CA LYS B 20 4.01 13.58 -12.76
C LYS B 20 3.56 14.35 -14.01
N GLN B 21 4.48 14.89 -14.82
CA GLN B 21 4.07 15.79 -15.91
C GLN B 21 3.90 15.04 -17.22
N CYS B 22 2.86 14.22 -17.23
CA CYS B 22 2.49 13.34 -18.33
C CYS B 22 1.05 13.07 -18.23
N GLY B 23 0.27 13.17 -19.34
CA GLY B 23 -1.17 12.95 -19.28
C GLY B 23 -1.50 11.48 -19.36
N SER B 24 -1.02 10.75 -18.35
CA SER B 24 -1.13 9.30 -18.35
C SER B 24 -2.07 8.74 -17.27
N ALA B 25 -2.98 9.58 -16.75
CA ALA B 25 -3.86 9.04 -15.69
C ALA B 25 -4.64 7.84 -16.12
N TRP B 26 -5.03 7.78 -17.42
CA TRP B 26 -5.75 6.62 -17.91
C TRP B 26 -4.98 5.34 -17.70
N ALA B 27 -3.63 5.41 -17.76
CA ALA B 27 -2.85 4.19 -17.61
C ALA B 27 -2.78 3.78 -16.16
N PHE B 28 -2.72 4.78 -15.27
CA PHE B 28 -2.70 4.45 -13.83
C PHE B 28 -4.04 3.89 -13.42
N SER B 29 -5.16 4.46 -13.97
CA SER B 29 -6.45 3.91 -13.62
C SER B 29 -6.55 2.48 -14.13
N ALA B 30 -6.08 2.21 -15.36
CA ALA B 30 -6.14 0.84 -15.92
C ALA B 30 -5.27 -0.14 -15.13
N THR B 31 -3.99 0.26 -14.79
CA THR B 31 -3.20 -0.69 -14.00
C THR B 31 -3.82 -0.89 -12.63
N GLY B 32 -4.46 0.11 -12.03
CA GLY B 32 -5.06 -0.16 -10.71
C GLY B 32 -6.19 -1.15 -10.82
N ALA B 33 -7.02 -1.05 -11.87
CA ALA B 33 -8.11 -2.03 -11.93
C ALA B 33 -7.55 -3.42 -12.26
N LEU B 34 -6.52 -3.52 -13.16
CA LEU B 34 -5.94 -4.83 -13.50
C LEU B 34 -5.19 -5.43 -12.30
N GLU B 35 -4.57 -4.54 -11.47
CA GLU B 35 -3.92 -5.03 -10.23
C GLU B 35 -4.93 -5.67 -9.30
N GLY B 36 -6.12 -5.09 -9.13
CA GLY B 36 -7.07 -5.70 -8.22
C GLY B 36 -7.61 -7.00 -8.79
N GLN B 37 -7.82 -7.05 -10.11
CA GLN B 37 -8.36 -8.31 -10.67
C GLN B 37 -7.38 -9.39 -10.70
N MET B 38 -6.08 -9.10 -10.98
CA MET B 38 -5.08 -10.13 -10.91
C MET B 38 -4.89 -10.65 -9.48
N PHE B 39 -5.04 -9.78 -8.45
CA PHE B 39 -4.91 -10.21 -7.07
C PHE B 39 -6.04 -11.14 -6.74
N ARG B 40 -7.24 -10.79 -7.21
CA ARG B 40 -8.39 -11.64 -6.90
C ARG B 40 -8.17 -13.03 -7.49
N LYS B 41 -7.43 -13.12 -8.64
CA LYS B 41 -7.26 -14.41 -9.29
C LYS B 41 -6.15 -15.25 -8.71
N THR B 42 -5.06 -14.61 -8.30
CA THR B 42 -3.89 -15.36 -7.87
C THR B 42 -3.46 -15.21 -6.42
N GLY B 43 -4.01 -14.20 -5.71
CA GLY B 43 -3.56 -13.95 -4.34
C GLY B 43 -2.26 -13.16 -4.30
N LYS B 44 -1.72 -12.66 -5.47
CA LYS B 44 -0.49 -11.93 -5.42
C LYS B 44 -0.77 -10.54 -5.92
N LEU B 45 -0.38 -9.54 -5.15
CA LEU B 45 -0.57 -8.15 -5.56
C LEU B 45 0.73 -7.67 -6.17
N VAL B 46 0.76 -7.41 -7.51
CA VAL B 46 2.00 -7.00 -8.16
C VAL B 46 1.77 -5.73 -8.98
N SER B 47 2.58 -4.69 -8.72
CA SER B 47 2.45 -3.42 -9.44
C SER B 47 2.72 -3.62 -10.92
N LEU B 48 1.81 -3.05 -11.75
CA LEU B 48 1.91 -3.18 -13.21
C LEU B 48 2.50 -1.94 -13.84
N SER B 49 3.03 -2.08 -15.09
CA SER B 49 3.72 -0.99 -15.75
C SER B 49 2.86 0.05 -16.53
N GLU B 50 2.68 1.24 -15.99
CA GLU B 50 2.02 2.26 -16.74
C GLU B 50 2.89 2.63 -17.91
N GLN B 51 4.23 2.53 -17.79
CA GLN B 51 5.04 2.95 -18.92
C GLN B 51 4.81 2.03 -20.10
N ASN B 52 4.58 0.76 -19.84
CA ASN B 52 4.29 -0.20 -20.94
C ASN B 52 3.05 0.27 -21.66
N LEU B 53 2.01 0.70 -20.93
CA LEU B 53 0.83 1.18 -21.58
C LEU B 53 1.09 2.47 -22.32
N VAL B 54 1.84 3.42 -21.73
CA VAL B 54 2.13 4.68 -22.44
C VAL B 54 2.89 4.46 -23.73
N ASP B 55 3.95 3.65 -23.68
CA ASP B 55 4.77 3.45 -24.88
C ASP B 55 4.20 2.53 -25.95
N CYS B 56 3.34 1.56 -25.56
CA CYS B 56 2.93 0.52 -26.51
C CYS B 56 1.52 0.50 -27.02
N SER B 57 0.61 1.29 -26.45
CA SER B 57 -0.77 1.17 -26.89
C SER B 57 -1.35 2.17 -27.89
N ARG B 58 -0.49 2.85 -28.62
CA ARG B 58 -0.92 3.77 -29.69
C ARG B 58 -1.80 2.98 -30.74
N PRO B 59 -1.49 1.74 -31.15
CA PRO B 59 -2.32 1.02 -32.12
C PRO B 59 -3.75 0.89 -31.66
N GLN B 60 -4.02 0.75 -30.32
CA GLN B 60 -5.37 0.68 -29.78
C GLN B 60 -6.06 2.02 -29.62
N GLY B 61 -5.37 3.08 -29.98
CA GLY B 61 -6.00 4.41 -29.95
C GLY B 61 -5.61 5.28 -28.77
N ASN B 62 -4.59 4.81 -28.00
CA ASN B 62 -4.15 5.71 -26.89
C ASN B 62 -3.10 6.68 -27.38
N GLN B 63 -2.82 7.75 -26.63
CA GLN B 63 -1.87 8.74 -27.07
C GLN B 63 -0.80 9.09 -26.04
N GLY B 64 -0.43 8.08 -25.26
CA GLY B 64 0.66 8.23 -24.28
C GLY B 64 0.47 9.37 -23.30
N CYS B 65 1.43 10.33 -23.24
CA CYS B 65 1.34 11.47 -22.29
C CYS B 65 0.28 12.47 -22.74
N ASN B 66 -0.24 12.24 -23.98
CA ASN B 66 -1.26 13.18 -24.45
C ASN B 66 -2.66 12.63 -24.17
N GLY B 67 -2.78 11.59 -23.33
CA GLY B 67 -4.09 11.08 -22.96
C GLY B 67 -4.39 9.73 -23.55
N GLY B 68 -5.53 9.15 -23.10
CA GLY B 68 -5.90 7.81 -23.50
C GLY B 68 -7.11 7.38 -22.73
N PHE B 69 -7.43 6.07 -22.86
CA PHE B 69 -8.66 5.57 -22.25
C PHE B 69 -8.41 4.23 -21.61
N MET B 70 -8.95 3.99 -20.40
CA MET B 70 -8.80 2.74 -19.71
C MET B 70 -9.30 1.58 -20.58
N ALA B 71 -10.42 1.71 -21.33
CA ALA B 71 -10.82 0.55 -22.13
C ALA B 71 -9.85 0.18 -23.20
N ARG B 72 -9.23 1.18 -23.84
CA ARG B 72 -8.20 0.88 -24.86
C ARG B 72 -6.97 0.21 -24.25
N ALA B 73 -6.67 0.59 -22.98
CA ALA B 73 -5.59 -0.12 -22.33
C ALA B 73 -5.92 -1.57 -22.07
N PHE B 74 -7.16 -1.88 -21.60
CA PHE B 74 -7.49 -3.28 -21.43
C PHE B 74 -7.50 -3.99 -22.83
N GLN B 75 -7.88 -3.26 -23.92
CA GLN B 75 -7.84 -3.88 -25.27
C GLN B 75 -6.42 -4.16 -25.66
N TYR B 76 -5.44 -3.24 -25.32
CA TYR B 76 -4.06 -3.56 -25.61
C TYR B 76 -3.57 -4.80 -24.89
N VAL B 77 -3.89 -4.97 -23.56
CA VAL B 77 -3.37 -6.11 -22.83
C VAL B 77 -3.91 -7.38 -23.49
N LYS B 78 -5.18 -7.32 -23.91
CA LYS B 78 -5.80 -8.48 -24.58
C LYS B 78 -5.12 -8.79 -25.90
N GLU B 79 -4.99 -7.76 -26.72
CA GLU B 79 -4.35 -7.97 -28.06
C GLU B 79 -2.88 -8.39 -28.02
N ASN B 80 -2.17 -7.88 -26.99
CA ASN B 80 -0.78 -8.09 -26.82
C ASN B 80 -0.44 -9.36 -26.20
N GLY B 81 -1.40 -9.94 -25.47
CA GLY B 81 -1.17 -11.19 -24.76
C GLY B 81 -0.48 -10.99 -23.42
N GLY B 82 -0.30 -9.72 -22.94
CA GLY B 82 0.39 -9.61 -21.66
C GLY B 82 0.62 -8.14 -21.34
N LEU B 83 1.15 -7.93 -20.07
CA LEU B 83 1.49 -6.55 -19.57
C LEU B 83 2.60 -6.79 -18.58
N ASP B 84 3.69 -6.04 -18.72
CA ASP B 84 4.86 -6.21 -17.85
C ASP B 84 4.71 -5.61 -16.46
N SER B 85 5.44 -6.14 -15.50
CA SER B 85 5.46 -5.59 -14.11
C SER B 85 6.11 -4.18 -14.11
N GLU B 86 5.72 -3.35 -13.13
CA GLU B 86 6.37 -2.06 -13.00
C GLU B 86 7.87 -2.27 -12.74
N GLU B 87 8.24 -3.30 -11.95
CA GLU B 87 9.65 -3.53 -11.67
C GLU B 87 10.45 -3.75 -12.93
N SER B 88 9.90 -4.49 -13.88
CA SER B 88 10.65 -4.75 -15.11
C SER B 88 10.66 -3.59 -16.09
N TYR B 89 9.59 -2.75 -16.06
CA TYR B 89 9.37 -1.68 -17.05
C TYR B 89 8.96 -0.44 -16.26
N PRO B 90 9.95 0.20 -15.64
CA PRO B 90 9.71 1.38 -14.81
C PRO B 90 9.16 2.67 -15.50
N TYR B 91 8.48 3.48 -14.67
CA TYR B 91 7.81 4.69 -15.14
C TYR B 91 8.69 5.88 -15.14
N VAL B 92 8.84 6.59 -16.28
CA VAL B 92 9.68 7.80 -16.36
C VAL B 92 8.92 9.05 -16.77
N ALA B 93 7.58 8.93 -16.91
CA ALA B 93 6.68 10.08 -17.17
C ALA B 93 6.96 10.84 -18.46
N VAL B 94 7.36 10.09 -19.51
CA VAL B 94 7.54 10.71 -20.82
C VAL B 94 7.18 9.65 -21.82
N ASP B 95 6.86 10.05 -23.04
CA ASP B 95 6.57 9.09 -24.11
C ASP B 95 7.84 8.47 -24.64
N GLU B 96 7.92 7.14 -24.64
CA GLU B 96 9.13 6.46 -25.12
C GLU B 96 8.77 5.32 -26.06
N ILE B 97 9.79 4.73 -26.69
CA ILE B 97 9.60 3.61 -27.60
C ILE B 97 9.20 2.36 -26.85
N CYS B 98 8.29 1.57 -27.42
CA CYS B 98 7.85 0.35 -26.76
C CYS B 98 8.98 -0.62 -26.45
N LYS B 99 9.00 -1.18 -25.21
CA LYS B 99 10.05 -2.12 -24.79
C LYS B 99 9.42 -3.39 -24.19
N TYR B 100 8.17 -3.71 -24.56
CA TYR B 100 7.51 -4.86 -24.01
C TYR B 100 8.23 -6.17 -24.28
N ARG B 101 8.32 -6.99 -23.25
CA ARG B 101 8.88 -8.36 -23.34
C ARG B 101 7.94 -9.34 -22.75
N PRO B 102 7.52 -10.37 -23.47
CA PRO B 102 6.60 -11.36 -22.91
C PRO B 102 7.15 -12.05 -21.68
N GLU B 103 8.50 -12.20 -21.60
CA GLU B 103 9.10 -12.93 -20.47
C GLU B 103 8.90 -12.17 -19.21
N ASN B 104 8.52 -10.86 -19.34
CA ASN B 104 8.35 -10.02 -18.14
C ASN B 104 6.91 -9.80 -17.83
N SER B 105 6.02 -10.40 -18.58
CA SER B 105 4.58 -10.21 -18.31
C SER B 105 4.11 -10.88 -17.02
N VAL B 106 3.23 -10.23 -16.29
CA VAL B 106 2.58 -10.70 -15.05
C VAL B 106 1.05 -10.50 -15.04
N ALA B 107 0.44 -10.13 -16.16
CA ALA B 107 -0.99 -9.95 -16.14
C ALA B 107 -1.50 -10.20 -17.55
N GLN B 108 -2.78 -10.60 -17.64
CA GLN B 108 -3.45 -10.81 -18.90
C GLN B 108 -4.91 -10.45 -18.73
N ASP B 109 -5.60 -10.15 -19.81
CA ASP B 109 -7.04 -9.94 -19.73
C ASP B 109 -7.62 -10.33 -21.07
N THR B 110 -8.87 -10.70 -21.03
CA THR B 110 -9.59 -11.21 -22.21
C THR B 110 -10.55 -10.18 -22.76
N GLY B 111 -10.46 -8.95 -22.28
CA GLY B 111 -11.43 -7.92 -22.64
C GLY B 111 -11.77 -7.10 -21.41
N PHE B 112 -12.91 -6.45 -21.41
CA PHE B 112 -13.32 -5.65 -20.30
C PHE B 112 -14.82 -5.55 -20.23
N THR B 113 -15.32 -5.20 -19.06
CA THR B 113 -16.76 -5.05 -18.80
C THR B 113 -17.07 -3.62 -18.46
N VAL B 114 -18.14 -3.08 -19.05
CA VAL B 114 -18.58 -1.74 -18.82
C VAL B 114 -19.73 -1.72 -17.84
N VAL B 115 -19.66 -0.83 -16.86
CA VAL B 115 -20.74 -0.61 -15.92
C VAL B 115 -21.81 0.18 -16.61
N ALA B 116 -23.10 -0.06 -16.26
CA ALA B 116 -24.14 0.72 -16.97
C ALA B 116 -23.84 2.22 -16.84
N PRO B 117 -23.76 2.95 -17.97
CA PRO B 117 -23.45 4.38 -17.85
C PRO B 117 -24.38 5.24 -17.06
N GLY B 118 -23.80 6.17 -16.29
CA GLY B 118 -24.63 7.12 -15.55
C GLY B 118 -25.29 6.53 -14.32
N LYS B 119 -25.09 5.22 -14.04
CA LYS B 119 -25.79 4.61 -12.92
C LYS B 119 -24.95 4.42 -11.70
N GLU B 120 -25.09 5.29 -10.77
CA GLU B 120 -24.31 5.16 -9.48
C GLU B 120 -24.64 3.88 -8.69
N LYS B 121 -25.89 3.35 -8.79
CA LYS B 121 -26.16 2.14 -8.06
C LYS B 121 -25.54 0.91 -8.75
N ALA B 122 -25.38 0.93 -10.09
CA ALA B 122 -24.70 -0.08 -10.83
C ALA B 122 -23.23 -0.01 -10.41
N LEU B 123 -22.73 1.20 -10.30
CA LEU B 123 -21.29 1.30 -9.87
C LEU B 123 -21.14 0.80 -8.47
N MET B 124 -22.13 1.11 -7.59
CA MET B 124 -21.99 0.60 -6.21
C MET B 124 -21.97 -0.93 -6.19
N LYS B 125 -22.81 -1.59 -7.04
CA LYS B 125 -22.80 -3.00 -7.14
C LYS B 125 -21.54 -3.58 -7.72
N ALA B 126 -20.98 -2.90 -8.75
CA ALA B 126 -19.72 -3.47 -9.29
C ALA B 126 -18.60 -3.35 -8.24
N VAL B 127 -18.58 -2.20 -7.56
CA VAL B 127 -17.53 -2.01 -6.53
C VAL B 127 -17.67 -3.05 -5.43
N ALA B 128 -18.96 -3.29 -5.00
CA ALA B 128 -19.07 -4.26 -3.90
C ALA B 128 -18.78 -5.69 -4.32
N THR B 129 -18.97 -6.06 -5.64
CA THR B 129 -18.77 -7.46 -6.05
C THR B 129 -17.55 -7.84 -6.94
N VAL B 130 -16.78 -6.86 -7.48
CA VAL B 130 -15.71 -7.17 -8.39
C VAL B 130 -14.38 -6.80 -7.79
N GLY B 131 -14.35 -5.60 -7.25
CA GLY B 131 -13.09 -5.05 -6.75
C GLY B 131 -12.99 -3.61 -7.23
N PRO B 132 -11.75 -3.05 -7.21
CA PRO B 132 -11.60 -1.67 -7.66
C PRO B 132 -12.03 -1.51 -9.14
N ILE B 133 -12.62 -0.33 -9.43
CA ILE B 133 -13.16 -0.06 -10.76
C ILE B 133 -12.53 1.20 -11.36
N SER B 134 -12.15 1.08 -12.67
CA SER B 134 -11.66 2.27 -13.40
C SER B 134 -12.76 3.26 -13.66
N VAL B 135 -12.55 4.53 -13.48
CA VAL B 135 -13.62 5.50 -13.77
C VAL B 135 -12.99 6.79 -14.26
N ALA B 136 -13.76 7.51 -15.09
CA ALA B 136 -13.40 8.84 -15.55
C ALA B 136 -14.11 9.86 -14.70
N MET B 137 -13.53 11.04 -14.55
CA MET B 137 -14.13 12.11 -13.79
C MET B 137 -13.71 13.47 -14.34
N ASP B 138 -14.44 14.52 -13.94
CA ASP B 138 -14.09 15.88 -14.27
C ASP B 138 -13.21 16.40 -13.13
N ALA B 139 -11.86 16.48 -13.35
CA ALA B 139 -10.93 16.99 -12.35
C ALA B 139 -10.47 18.40 -12.71
N GLY B 140 -11.16 19.00 -13.68
CA GLY B 140 -10.79 20.28 -14.26
C GLY B 140 -11.18 21.52 -13.47
N HIS B 141 -10.95 21.48 -12.19
CA HIS B 141 -11.31 22.58 -11.29
C HIS B 141 -10.24 22.76 -10.21
N SER B 142 -9.98 24.01 -9.85
CA SER B 142 -8.96 24.30 -8.88
C SER B 142 -9.24 23.66 -7.55
N SER B 143 -10.50 23.50 -7.20
CA SER B 143 -10.86 22.90 -5.92
C SER B 143 -10.34 21.46 -5.84
N PHE B 144 -10.19 20.80 -6.99
CA PHE B 144 -9.73 19.41 -6.98
C PHE B 144 -8.21 19.45 -6.77
N GLN B 145 -7.56 20.37 -7.40
CA GLN B 145 -6.17 20.51 -7.23
C GLN B 145 -5.72 20.77 -5.79
N PHE B 146 -6.52 21.53 -5.04
CA PHE B 146 -6.19 21.92 -3.69
C PHE B 146 -6.96 21.16 -2.64
N TYR B 147 -7.64 20.10 -3.06
CA TYR B 147 -8.39 19.24 -2.14
C TYR B 147 -7.49 18.62 -1.04
N LYS B 148 -7.98 18.66 0.18
CA LYS B 148 -7.17 18.08 1.27
C LYS B 148 -7.90 17.06 2.07
N SER B 149 -9.19 17.25 2.34
CA SER B 149 -9.92 16.30 3.20
C SER B 149 -11.38 16.51 3.12
N GLY B 150 -12.16 15.56 3.65
CA GLY B 150 -13.60 15.72 3.62
C GLY B 150 -14.18 15.19 2.34
N ILE B 151 -15.47 15.38 2.16
CA ILE B 151 -16.17 14.94 0.96
C ILE B 151 -16.11 16.00 -0.09
N TYR B 152 -15.49 15.70 -1.21
CA TYR B 152 -15.38 16.66 -2.28
C TYR B 152 -16.71 16.84 -3.01
N PHE B 153 -17.09 18.12 -3.12
CA PHE B 153 -18.27 18.52 -3.86
C PHE B 153 -17.96 19.83 -4.55
N GLU B 154 -17.96 19.79 -5.89
CA GLU B 154 -17.72 20.96 -6.68
C GLU B 154 -18.95 21.31 -7.47
N PRO B 155 -19.56 22.43 -7.15
CA PRO B 155 -20.78 22.86 -7.87
C PRO B 155 -20.61 22.98 -9.35
N ASP B 156 -19.43 23.32 -9.84
N ASP B 156 -19.47 23.34 -9.84
CA ASP B 156 -19.26 23.46 -11.29
CA ASP B 156 -19.23 23.51 -11.27
C ASP B 156 -18.87 22.15 -11.95
C ASP B 156 -18.87 22.19 -11.98
N CYS B 157 -18.87 21.03 -11.20
CA CYS B 157 -18.47 19.79 -11.85
C CYS B 157 -19.39 19.32 -13.00
N SER B 158 -18.80 18.73 -14.02
CA SER B 158 -19.52 18.12 -15.13
C SER B 158 -19.58 16.58 -14.96
N SER B 159 -20.71 15.94 -15.37
CA SER B 159 -20.84 14.51 -15.32
C SER B 159 -20.67 13.98 -16.77
N LYS B 160 -20.36 14.87 -17.76
CA LYS B 160 -20.31 14.45 -19.17
C LYS B 160 -18.98 14.68 -19.81
N ASN B 161 -18.33 15.75 -19.44
CA ASN B 161 -17.04 16.06 -20.02
C ASN B 161 -16.05 15.72 -18.97
N LEU B 162 -15.33 14.64 -19.22
CA LEU B 162 -14.44 14.12 -18.20
C LEU B 162 -13.05 14.12 -18.75
N ASP B 163 -12.11 14.59 -17.92
CA ASP B 163 -10.73 14.75 -18.37
C ASP B 163 -9.72 13.92 -17.58
N HIS B 164 -10.18 13.10 -16.64
CA HIS B 164 -9.22 12.39 -15.78
C HIS B 164 -9.66 11.00 -15.42
N GLY B 165 -8.77 10.06 -15.42
CA GLY B 165 -9.12 8.71 -15.04
C GLY B 165 -8.56 8.45 -13.66
N VAL B 166 -9.35 7.79 -12.81
CA VAL B 166 -8.99 7.47 -11.41
C VAL B 166 -9.50 6.07 -11.08
N LEU B 167 -9.36 5.63 -9.83
CA LEU B 167 -9.78 4.27 -9.45
C LEU B 167 -10.65 4.34 -8.23
N VAL B 168 -11.87 3.78 -8.38
CA VAL B 168 -12.76 3.69 -7.23
C VAL B 168 -12.41 2.38 -6.50
N VAL B 169 -11.91 2.53 -5.23
CA VAL B 169 -11.49 1.39 -4.39
C VAL B 169 -12.53 1.10 -3.31
N GLY B 170 -13.65 1.82 -3.31
CA GLY B 170 -14.63 1.56 -2.26
C GLY B 170 -15.61 2.70 -2.15
N TYR B 171 -16.43 2.72 -1.11
CA TYR B 171 -17.41 3.76 -0.82
C TYR B 171 -17.78 3.67 0.66
N GLY B 172 -18.42 4.69 1.13
CA GLY B 172 -18.78 4.73 2.52
C GLY B 172 -19.60 5.94 2.86
N PHE B 173 -19.59 6.28 4.11
CA PHE B 173 -20.36 7.42 4.57
C PHE B 173 -19.73 8.02 5.81
N GLU B 174 -19.90 9.33 6.00
CA GLU B 174 -19.39 10.00 7.20
C GLU B 174 -20.47 10.12 8.24
N GLY B 175 -20.08 10.12 9.51
CA GLY B 175 -21.05 10.22 10.58
C GLY B 175 -21.80 8.94 10.85
N ALA B 176 -22.85 9.06 11.66
CA ALA B 176 -23.75 7.95 11.96
C ALA B 176 -24.72 7.91 10.78
N ASN B 177 -25.47 6.81 10.60
CA ASN B 177 -26.42 6.74 9.48
C ASN B 177 -25.73 6.60 8.12
N SER B 178 -25.88 5.40 7.56
CA SER B 178 -25.33 4.94 6.30
C SER B 178 -25.81 5.69 5.06
N GLN B 179 -26.98 6.32 5.14
CA GLN B 179 -27.55 7.00 3.98
C GLN B 179 -27.21 8.48 3.80
N ASN B 180 -26.43 9.12 4.68
CA ASN B 180 -26.15 10.53 4.32
C ASN B 180 -24.68 10.80 4.42
N SER B 181 -24.21 11.77 3.61
CA SER B 181 -22.78 12.08 3.56
C SER B 181 -22.08 10.86 2.98
N LYS B 182 -22.69 10.30 1.92
CA LYS B 182 -22.10 9.16 1.24
C LYS B 182 -20.94 9.60 0.36
N TYR B 183 -19.99 8.68 0.14
CA TYR B 183 -18.87 9.07 -0.74
C TYR B 183 -18.27 7.89 -1.41
N TRP B 184 -17.60 8.16 -2.55
CA TRP B 184 -16.80 7.18 -3.27
C TRP B 184 -15.38 7.37 -2.76
N LEU B 185 -14.70 6.26 -2.44
CA LEU B 185 -13.27 6.29 -2.03
C LEU B 185 -12.49 6.14 -3.34
N VAL B 186 -11.74 7.19 -3.73
CA VAL B 186 -11.00 7.22 -5.02
C VAL B 186 -9.50 7.39 -4.85
N LYS B 187 -8.77 6.50 -5.51
CA LYS B 187 -7.29 6.55 -5.57
C LYS B 187 -6.94 7.39 -6.79
N ASN B 188 -6.10 8.42 -6.56
CA ASN B 188 -5.61 9.32 -7.63
C ASN B 188 -4.17 8.91 -7.96
N SER B 189 -3.57 9.52 -8.99
CA SER B 189 -2.20 9.20 -9.42
C SER B 189 -1.39 10.47 -9.40
N TRP B 190 -1.53 11.25 -8.35
CA TRP B 190 -0.74 12.51 -8.25
C TRP B 190 0.19 12.51 -7.05
N GLY B 191 0.52 11.26 -6.63
CA GLY B 191 1.45 11.01 -5.51
C GLY B 191 0.71 11.11 -4.19
N PRO B 192 1.36 10.68 -3.09
CA PRO B 192 0.81 10.69 -1.75
C PRO B 192 0.70 12.02 -1.09
N GLU B 193 1.39 13.01 -1.62
CA GLU B 193 1.30 14.32 -1.01
C GLU B 193 0.06 15.05 -1.45
N TRP B 194 -0.55 14.73 -2.60
CA TRP B 194 -1.79 15.39 -3.01
C TRP B 194 -2.98 14.86 -2.24
N GLY B 195 -3.99 15.71 -2.01
CA GLY B 195 -5.22 15.23 -1.42
C GLY B 195 -5.08 14.67 -0.02
N SER B 196 -5.86 13.61 0.25
CA SER B 196 -5.85 12.92 1.51
C SER B 196 -4.87 11.72 1.34
N ASN B 197 -3.54 12.00 1.43
CA ASN B 197 -2.57 10.95 1.25
C ASN B 197 -2.76 10.24 -0.10
N GLY B 198 -3.14 11.04 -1.14
CA GLY B 198 -3.31 10.48 -2.48
C GLY B 198 -4.69 10.03 -2.87
N TYR B 199 -5.61 10.06 -1.91
CA TYR B 199 -6.97 9.62 -2.11
C TYR B 199 -7.90 10.81 -1.97
N VAL B 200 -9.12 10.62 -2.45
CA VAL B 200 -10.15 11.65 -2.29
C VAL B 200 -11.53 10.97 -2.10
N LYS B 201 -12.37 11.57 -1.23
CA LYS B 201 -13.73 11.09 -1.05
C LYS B 201 -14.61 11.96 -1.96
N ILE B 202 -15.24 11.36 -2.96
CA ILE B 202 -16.11 12.19 -3.85
C ILE B 202 -17.57 11.98 -3.49
N ALA B 203 -18.34 13.04 -3.48
CA ALA B 203 -19.73 12.86 -3.06
C ALA B 203 -20.42 11.81 -3.90
N LYS B 204 -21.18 10.95 -3.18
CA LYS B 204 -21.87 9.80 -3.72
C LYS B 204 -23.37 9.96 -3.65
N ASP B 205 -23.99 9.51 -4.70
CA ASP B 205 -25.45 9.57 -4.87
C ASP B 205 -25.93 10.98 -4.81
N LYS B 206 -25.15 11.85 -5.40
CA LYS B 206 -25.47 13.27 -5.53
C LYS B 206 -25.50 13.56 -7.04
N ASN B 207 -26.31 12.81 -7.74
CA ASN B 207 -26.50 12.92 -9.19
C ASN B 207 -25.25 12.70 -10.04
N ASN B 208 -24.50 11.61 -9.76
CA ASN B 208 -23.31 11.30 -10.57
C ASN B 208 -22.31 12.44 -10.57
N HIS B 209 -21.95 12.88 -9.36
CA HIS B 209 -21.12 14.04 -9.19
C HIS B 209 -19.75 13.85 -9.83
N CYS B 210 -19.36 14.81 -10.66
CA CYS B 210 -18.11 14.85 -11.38
C CYS B 210 -18.01 13.66 -12.36
N GLY B 211 -19.13 12.95 -12.72
CA GLY B 211 -19.10 11.88 -13.72
C GLY B 211 -18.55 10.54 -13.29
N ILE B 212 -18.44 10.34 -11.96
CA ILE B 212 -17.80 9.07 -11.50
C ILE B 212 -18.41 7.81 -12.06
N ALA B 213 -19.74 7.80 -12.33
CA ALA B 213 -20.41 6.63 -12.89
C ALA B 213 -20.69 6.75 -14.40
N THR B 214 -20.17 7.77 -15.06
CA THR B 214 -20.45 7.92 -16.50
C THR B 214 -19.75 6.93 -17.38
N ALA B 215 -18.47 6.59 -17.09
CA ALA B 215 -17.73 5.71 -17.98
C ALA B 215 -16.80 4.79 -17.17
N ALA B 216 -17.44 3.99 -16.39
CA ALA B 216 -16.76 3.04 -15.46
C ALA B 216 -16.53 1.63 -16.15
N SER B 217 -15.40 0.92 -15.89
CA SER B 217 -15.09 -0.39 -16.48
C SER B 217 -14.06 -1.13 -15.66
N TYR B 218 -13.94 -2.41 -15.93
CA TYR B 218 -12.93 -3.22 -15.26
C TYR B 218 -12.47 -4.35 -16.20
N PRO B 219 -11.22 -4.76 -16.23
CA PRO B 219 -10.72 -5.84 -17.08
C PRO B 219 -11.26 -7.23 -16.74
N ASN B 220 -11.44 -8.13 -17.73
CA ASN B 220 -11.86 -9.49 -17.40
C ASN B 220 -10.66 -10.37 -17.38
N VAL B 221 -10.31 -10.99 -16.23
CA VAL B 221 -9.10 -11.82 -16.14
C VAL B 221 -9.39 -13.34 -16.09
N TYR C 4 -16.07 11.21 -24.13
CA TYR C 4 -15.97 9.81 -24.52
C TYR C 4 -15.01 9.74 -25.72
N LYS C 5 -14.80 10.89 -26.38
CA LYS C 5 -13.83 11.04 -27.43
C LYS C 5 -12.75 11.90 -26.80
N GLU C 6 -13.04 12.42 -25.60
CA GLU C 6 -12.13 13.24 -24.82
C GLU C 6 -11.20 12.34 -24.04
N ALA C 7 -9.91 12.40 -24.35
CA ALA C 7 -8.89 11.57 -23.71
C ALA C 7 -8.68 11.94 -22.23
N LYS C 8 -8.40 10.92 -21.40
CA LYS C 8 -8.24 11.12 -19.96
C LYS C 8 -6.84 11.34 -19.46
N LYS C 9 -6.38 12.53 -19.59
CA LYS C 9 -5.02 12.89 -19.19
C LYS C 9 -4.84 12.83 -17.70
N GLY D 2 21.26 -3.17 18.66
CA GLY D 2 21.07 -3.61 20.04
C GLY D 2 20.30 -2.59 20.84
N ASN D 3 19.12 -2.96 21.39
CA ASN D 3 18.42 -1.93 22.13
C ASN D 3 17.50 -2.38 23.27
N TYR D 4 18.06 -2.95 24.33
CA TYR D 4 17.18 -3.39 25.42
C TYR D 4 16.87 -2.35 26.48
N LYS D 5 17.29 -1.10 26.25
CA LYS D 5 17.03 -0.03 27.24
C LYS D 5 15.55 0.09 27.52
N GLU D 6 14.75 -0.09 26.47
CA GLU D 6 13.29 0.01 26.57
C GLU D 6 12.67 -1.04 25.73
N ALA D 7 11.52 -1.51 26.19
CA ALA D 7 10.77 -2.46 25.37
C ALA D 7 10.14 -1.70 24.24
N LYS D 8 9.87 -2.35 23.12
CA LYS D 8 9.30 -1.63 21.95
C LYS D 8 7.81 -1.62 21.88
N LYS D 9 7.20 -0.82 22.72
CA LYS D 9 5.74 -0.70 22.76
C LYS D 9 5.09 -0.09 21.52
#